data_1TFQ
#
_entry.id   1TFQ
#
loop_
_entity.id
_entity.type
_entity.pdbx_description
1 polymer 'Baculoviral IAP repeat-containing protein 4'
2 non-polymer 'ZINC ION'
3 non-polymer N-METHYLALANYL-3-METHYLVALYL-N-(1,2,3,4-TETRAHYDRONAPHTHALEN-1-YL)PROLINAMIDE
#
_entity_poly.entity_id   1
_entity_poly.type   'polypeptide(L)'
_entity_poly.pdbx_seq_one_letter_code
;MSDAVSSDRNFPNSTNLPRNPSMADYEARIFTFGTWIYSVNKEQLARAGFYALGEGDKVKCFHCGGGLTDWKPSEDPWEQ
HAKWYPGCKYLLEQKGQEYINNIHLTHSLEECLVRTT
;
_entity_poly.pdbx_strand_id   A
#
loop_
_chem_comp.id
_chem_comp.type
_chem_comp.name
_chem_comp.formula
998 non-polymer N-METHYLALANYL-3-METHYLVALYL-N-(1,2,3,4-TETRAHYDRONAPHTHALEN-1-YL)PROLINAMIDE 'C25 H38 N4 O3'
ZN non-polymer 'ZINC ION' 'Zn 2'
#
# COMPACT_ATOMS: atom_id res chain seq x y z
N MET A 1 26.69 -6.44 20.92
CA MET A 1 25.38 -6.87 21.48
C MET A 1 24.26 -5.92 21.06
N SER A 2 23.75 -6.10 19.85
CA SER A 2 22.68 -5.26 19.34
C SER A 2 21.37 -5.56 20.04
N ASP A 3 21.08 -4.80 21.11
CA ASP A 3 19.86 -4.99 21.88
C ASP A 3 18.65 -4.50 21.09
N ALA A 4 18.79 -3.33 20.47
CA ALA A 4 17.69 -2.75 19.68
C ALA A 4 16.49 -2.44 20.56
N VAL A 5 15.41 -1.97 19.94
CA VAL A 5 14.19 -1.65 20.65
C VAL A 5 12.96 -1.82 19.76
N SER A 6 12.51 -3.07 19.63
CA SER A 6 11.35 -3.38 18.80
C SER A 6 10.75 -4.72 19.20
N SER A 7 11.50 -5.79 18.94
CA SER A 7 11.04 -7.14 19.26
C SER A 7 11.59 -7.59 20.60
N ASP A 8 10.77 -7.49 21.64
CA ASP A 8 11.17 -7.90 22.99
C ASP A 8 9.98 -8.44 23.77
N ARG A 9 8.98 -7.59 23.98
CA ARG A 9 7.78 -7.99 24.72
C ARG A 9 6.60 -7.11 24.34
N ASN A 10 5.40 -7.58 24.69
CA ASN A 10 4.18 -6.83 24.39
C ASN A 10 3.91 -5.77 25.45
N PHE A 11 2.84 -5.00 25.25
CA PHE A 11 2.48 -3.95 26.19
C PHE A 11 3.59 -2.92 26.31
N PRO A 12 3.80 -2.09 25.28
CA PRO A 12 4.83 -1.05 25.28
C PRO A 12 4.72 -0.11 26.46
N ASN A 13 3.51 0.41 26.68
CA ASN A 13 3.26 1.32 27.78
C ASN A 13 1.81 1.24 28.25
N SER A 14 0.88 1.55 27.34
CA SER A 14 -0.54 1.50 27.67
C SER A 14 -1.38 1.86 26.43
N THR A 15 -1.10 3.01 25.85
CA THR A 15 -1.82 3.47 24.67
C THR A 15 -1.39 2.69 23.42
N ASN A 16 -0.09 2.49 23.28
CA ASN A 16 0.45 1.77 22.14
C ASN A 16 -0.13 0.36 22.04
N LEU A 17 -1.11 0.19 21.15
CA LEU A 17 -1.76 -1.10 20.96
C LEU A 17 -0.95 -1.97 20.01
N PRO A 18 -1.24 -3.29 19.99
CA PRO A 18 -0.54 -4.24 19.11
C PRO A 18 -0.58 -3.82 17.64
N ARG A 19 -1.79 -3.63 17.12
CA ARG A 19 -1.97 -3.23 15.73
C ARG A 19 -3.42 -2.84 15.45
N ASN A 20 -4.32 -3.82 15.58
CA ASN A 20 -5.74 -3.58 15.34
C ASN A 20 -5.98 -3.04 13.94
N PRO A 21 -5.88 -3.91 12.92
CA PRO A 21 -6.09 -3.53 11.52
C PRO A 21 -7.44 -2.84 11.29
N SER A 22 -8.52 -3.54 11.65
CA SER A 22 -9.87 -2.99 11.50
C SER A 22 -10.22 -2.09 12.67
N MET A 23 -9.49 -0.98 12.79
CA MET A 23 -9.70 0.01 13.85
C MET A 23 -8.92 1.27 13.55
N ALA A 24 -7.63 1.08 13.23
CA ALA A 24 -6.75 2.18 12.90
C ALA A 24 -5.94 1.92 11.62
N ASP A 25 -6.49 1.09 10.71
CA ASP A 25 -5.80 0.79 9.46
C ASP A 25 -6.79 0.80 8.29
N TYR A 26 -7.80 -0.06 8.37
CA TYR A 26 -8.82 -0.13 7.32
C TYR A 26 -9.71 1.10 7.33
N GLU A 27 -10.32 1.38 8.48
CA GLU A 27 -11.19 2.52 8.64
C GLU A 27 -10.40 3.82 8.69
N ALA A 28 -9.20 3.77 9.27
CA ALA A 28 -8.37 4.97 9.36
C ALA A 28 -7.95 5.47 7.98
N ARG A 29 -7.38 4.57 7.17
CA ARG A 29 -6.93 4.92 5.83
C ARG A 29 -8.09 5.46 5.01
N ILE A 30 -9.13 4.63 4.86
CA ILE A 30 -10.33 4.99 4.13
C ILE A 30 -10.89 6.33 4.59
N PHE A 31 -10.91 6.53 5.90
CA PHE A 31 -11.41 7.77 6.49
C PHE A 31 -10.65 8.96 5.92
N THR A 32 -9.38 8.76 5.57
CA THR A 32 -8.60 9.84 4.99
C THR A 32 -8.92 10.00 3.51
N PHE A 33 -9.28 8.91 2.82
CA PHE A 33 -9.62 9.03 1.39
C PHE A 33 -11.00 9.61 1.23
N GLY A 34 -11.99 8.92 1.79
CA GLY A 34 -13.38 9.36 1.72
C GLY A 34 -14.27 8.37 1.00
N THR A 35 -15.59 8.57 1.13
CA THR A 35 -16.57 7.70 0.47
C THR A 35 -16.32 7.63 -1.05
N TRP A 36 -15.76 8.71 -1.60
CA TRP A 36 -15.45 8.81 -3.02
C TRP A 36 -14.67 7.58 -3.50
N ILE A 37 -14.71 7.30 -4.80
CA ILE A 37 -14.03 6.13 -5.37
C ILE A 37 -13.55 6.42 -6.79
N TYR A 38 -12.71 5.52 -7.32
CA TYR A 38 -12.15 5.69 -8.67
C TYR A 38 -11.95 4.35 -9.36
N SER A 39 -11.27 3.43 -8.69
CA SER A 39 -11.00 2.10 -9.25
C SER A 39 -11.39 0.99 -8.26
N VAL A 40 -10.59 0.82 -7.20
CA VAL A 40 -10.86 -0.18 -6.18
C VAL A 40 -11.07 0.49 -4.84
N ASN A 41 -11.41 -0.30 -3.82
CA ASN A 41 -11.61 0.23 -2.49
C ASN A 41 -10.32 0.91 -2.02
N LYS A 42 -10.45 2.16 -1.59
CA LYS A 42 -9.30 2.94 -1.12
C LYS A 42 -8.49 2.17 -0.07
N GLU A 43 -9.17 1.34 0.72
CA GLU A 43 -8.49 0.53 1.73
C GLU A 43 -7.44 -0.36 1.07
N GLN A 44 -7.80 -0.97 -0.06
CA GLN A 44 -6.87 -1.83 -0.78
C GLN A 44 -5.66 -1.02 -1.20
N LEU A 45 -5.92 0.17 -1.73
CA LEU A 45 -4.84 1.07 -2.14
C LEU A 45 -3.93 1.39 -0.96
N ALA A 46 -4.53 1.67 0.18
CA ALA A 46 -3.77 2.00 1.39
C ALA A 46 -2.95 0.81 1.90
N ARG A 47 -3.53 -0.40 1.80
CA ARG A 47 -2.85 -1.62 2.25
C ARG A 47 -1.50 -1.76 1.57
N ALA A 48 -1.46 -1.47 0.27
CA ALA A 48 -0.22 -1.53 -0.48
C ALA A 48 0.83 -0.60 0.11
N GLY A 49 0.40 0.59 0.51
CA GLY A 49 1.29 1.57 1.10
C GLY A 49 0.92 2.98 0.71
N PHE A 50 -0.34 3.34 0.92
CA PHE A 50 -0.83 4.67 0.57
C PHE A 50 -1.66 5.28 1.72
N TYR A 51 -1.67 6.60 1.78
CA TYR A 51 -2.41 7.33 2.81
C TYR A 51 -2.81 8.72 2.32
N ALA A 52 -4.10 9.04 2.40
CA ALA A 52 -4.58 10.34 1.96
C ALA A 52 -4.18 11.43 2.97
N LEU A 53 -3.92 12.63 2.47
CA LEU A 53 -3.51 13.75 3.34
C LEU A 53 -4.67 14.70 3.64
N GLY A 54 -5.87 14.14 3.85
CA GLY A 54 -7.03 14.96 4.14
C GLY A 54 -7.83 15.28 2.91
N GLU A 55 -7.17 15.89 1.93
CA GLU A 55 -7.83 16.26 0.68
C GLU A 55 -8.09 15.02 -0.16
N GLY A 56 -9.26 14.96 -0.78
CA GLY A 56 -9.61 13.83 -1.61
C GLY A 56 -8.64 13.62 -2.76
N ASP A 57 -8.43 12.36 -3.14
CA ASP A 57 -7.52 11.98 -4.23
C ASP A 57 -6.04 12.13 -3.86
N LYS A 58 -5.60 13.33 -3.44
CA LYS A 58 -4.21 13.56 -3.08
C LYS A 58 -3.73 12.56 -2.02
N VAL A 59 -3.00 11.54 -2.49
CA VAL A 59 -2.49 10.49 -1.62
C VAL A 59 -1.01 10.25 -1.92
N LYS A 60 -0.22 10.01 -0.87
CA LYS A 60 1.21 9.77 -1.02
C LYS A 60 1.62 8.39 -0.49
N CYS A 61 2.74 7.89 -1.00
CA CYS A 61 3.26 6.59 -0.60
C CYS A 61 3.96 6.68 0.76
N PHE A 62 4.04 5.54 1.46
CA PHE A 62 4.67 5.50 2.78
C PHE A 62 6.14 5.10 2.67
N HIS A 63 7.01 5.89 3.31
CA HIS A 63 8.46 5.64 3.33
C HIS A 63 9.11 5.89 1.97
N CYS A 64 8.78 5.07 0.97
CA CYS A 64 9.36 5.20 -0.37
C CYS A 64 9.16 6.61 -0.95
N GLY A 65 8.08 7.28 -0.56
CA GLY A 65 7.84 8.63 -1.07
C GLY A 65 7.06 8.63 -2.37
N GLY A 66 7.10 9.76 -3.07
CA GLY A 66 6.39 9.87 -4.33
C GLY A 66 4.90 10.03 -4.13
N GLY A 67 4.38 11.20 -4.49
CA GLY A 67 2.96 11.46 -4.33
C GLY A 67 2.16 11.10 -5.57
N LEU A 68 1.09 10.34 -5.37
CA LEU A 68 0.22 9.93 -6.47
C LEU A 68 -1.08 10.74 -6.46
N THR A 69 -1.47 11.21 -7.64
CA THR A 69 -2.70 12.00 -7.77
C THR A 69 -3.33 11.76 -9.14
N ASP A 70 -4.65 11.93 -9.22
CA ASP A 70 -5.37 11.72 -10.47
C ASP A 70 -5.20 10.29 -10.95
N TRP A 71 -5.73 9.34 -10.19
CA TRP A 71 -5.63 7.93 -10.52
C TRP A 71 -6.31 7.62 -11.86
N LYS A 72 -6.16 6.37 -12.30
CA LYS A 72 -6.75 5.91 -13.55
C LYS A 72 -7.78 4.81 -13.27
N PRO A 73 -8.93 4.79 -13.98
CA PRO A 73 -9.96 3.77 -13.78
C PRO A 73 -9.41 2.35 -13.92
N SER A 74 -9.68 1.51 -12.94
CA SER A 74 -9.20 0.13 -12.96
C SER A 74 -7.67 0.10 -12.93
N GLU A 75 -7.11 0.09 -11.73
CA GLU A 75 -5.65 0.06 -11.57
C GLU A 75 -5.26 -0.40 -10.17
N ASP A 76 -4.22 -1.22 -10.09
CA ASP A 76 -3.76 -1.73 -8.81
C ASP A 76 -2.62 -0.88 -8.26
N PRO A 77 -2.46 -0.82 -6.92
CA PRO A 77 -1.40 -0.04 -6.28
C PRO A 77 -0.03 -0.71 -6.38
N TRP A 78 -0.02 -2.04 -6.28
CA TRP A 78 1.21 -2.81 -6.34
C TRP A 78 1.99 -2.52 -7.63
N GLU A 79 1.32 -2.69 -8.76
CA GLU A 79 1.94 -2.44 -10.06
C GLU A 79 2.19 -0.96 -10.30
N GLN A 80 1.24 -0.12 -9.90
CA GLN A 80 1.38 1.32 -10.10
C GLN A 80 2.63 1.88 -9.43
N HIS A 81 2.67 1.84 -8.10
CA HIS A 81 3.81 2.35 -7.35
C HIS A 81 5.11 1.66 -7.77
N ALA A 82 5.06 0.35 -8.00
CA ALA A 82 6.24 -0.41 -8.39
C ALA A 82 6.89 0.14 -9.66
N LYS A 83 6.08 0.66 -10.58
CA LYS A 83 6.60 1.21 -11.83
C LYS A 83 7.17 2.62 -11.65
N TRP A 84 6.38 3.48 -10.99
CA TRP A 84 6.81 4.87 -10.77
C TRP A 84 8.07 4.95 -9.91
N TYR A 85 8.09 4.19 -8.81
CA TYR A 85 9.23 4.20 -7.90
C TYR A 85 9.22 2.95 -7.01
N PRO A 86 9.83 1.83 -7.47
CA PRO A 86 9.86 0.59 -6.69
C PRO A 86 10.84 0.68 -5.52
N GLY A 87 10.36 1.19 -4.39
CA GLY A 87 11.19 1.30 -3.22
C GLY A 87 10.42 1.28 -1.90
N CYS A 88 9.35 0.50 -1.86
CA CYS A 88 8.54 0.38 -0.65
C CYS A 88 9.03 -0.76 0.22
N LYS A 89 8.94 -0.59 1.53
CA LYS A 89 9.39 -1.62 2.47
C LYS A 89 8.52 -2.86 2.42
N TYR A 90 7.28 -2.72 2.87
CA TYR A 90 6.34 -3.84 2.88
C TYR A 90 6.12 -4.41 1.47
N LEU A 91 6.03 -3.54 0.48
CA LEU A 91 5.81 -3.94 -0.90
C LEU A 91 6.91 -4.90 -1.37
N LEU A 92 8.16 -4.43 -1.33
CA LEU A 92 9.28 -5.26 -1.76
C LEU A 92 9.42 -6.52 -0.91
N GLU A 93 9.27 -6.35 0.40
CA GLU A 93 9.38 -7.47 1.33
C GLU A 93 8.31 -8.54 1.09
N GLN A 94 7.11 -8.12 0.67
CA GLN A 94 6.01 -9.05 0.43
C GLN A 94 6.39 -10.13 -0.58
N LYS A 95 6.56 -9.75 -1.85
CA LYS A 95 6.91 -10.71 -2.90
C LYS A 95 8.38 -10.60 -3.32
N GLY A 96 9.24 -10.14 -2.41
CA GLY A 96 10.66 -10.03 -2.69
C GLY A 96 11.00 -9.11 -3.86
N GLN A 97 12.28 -8.76 -3.95
CA GLN A 97 12.77 -7.91 -5.02
C GLN A 97 12.49 -8.55 -6.38
N GLU A 98 12.48 -9.88 -6.44
CA GLU A 98 12.23 -10.60 -7.68
C GLU A 98 10.89 -10.20 -8.30
N TYR A 99 9.84 -10.20 -7.49
CA TYR A 99 8.51 -9.84 -7.98
C TYR A 99 8.47 -8.38 -8.42
N ILE A 100 9.01 -7.49 -7.59
CA ILE A 100 9.02 -6.07 -7.92
C ILE A 100 9.76 -5.80 -9.22
N ASN A 101 10.90 -6.47 -9.41
CA ASN A 101 11.70 -6.30 -10.61
C ASN A 101 10.92 -6.76 -11.85
N ASN A 102 10.20 -7.87 -11.72
CA ASN A 102 9.42 -8.42 -12.83
C ASN A 102 8.42 -7.39 -13.34
N ILE A 103 7.76 -6.69 -12.41
CA ILE A 103 6.79 -5.68 -12.77
C ILE A 103 7.43 -4.57 -13.61
N HIS A 104 8.54 -4.03 -13.11
CA HIS A 104 9.26 -2.98 -13.81
C HIS A 104 10.15 -3.56 -14.90
N LEU A 105 9.53 -4.10 -15.94
CA LEU A 105 10.27 -4.69 -17.06
C LEU A 105 9.31 -5.14 -18.16
N THR A 106 8.27 -5.88 -17.77
CA THR A 106 7.29 -6.38 -18.72
C THR A 106 5.89 -6.35 -18.13
N HIS A 107 4.89 -6.39 -19.00
CA HIS A 107 3.50 -6.36 -18.56
C HIS A 107 3.16 -7.61 -17.75
N SER A 108 2.36 -7.42 -16.69
CA SER A 108 1.97 -8.52 -15.83
C SER A 108 0.47 -8.46 -15.51
N LEU A 109 -0.04 -9.50 -14.87
CA LEU A 109 -1.46 -9.58 -14.50
C LEU A 109 -2.37 -9.51 -15.72
N GLU A 110 -3.67 -9.64 -15.49
CA GLU A 110 -4.65 -9.60 -16.57
C GLU A 110 -4.38 -10.70 -17.60
N GLU A 111 -4.25 -11.93 -17.10
CA GLU A 111 -3.99 -13.08 -17.97
C GLU A 111 -4.74 -14.31 -17.49
N CYS A 112 -4.77 -15.35 -18.33
CA CYS A 112 -5.46 -16.59 -17.98
C CYS A 112 -6.93 -16.33 -17.69
N LEU A 113 -7.66 -15.93 -18.72
CA LEU A 113 -9.10 -15.65 -18.59
C LEU A 113 -9.87 -16.29 -19.74
N VAL A 114 -9.60 -17.57 -19.98
CA VAL A 114 -10.26 -18.33 -21.04
C VAL A 114 -9.81 -17.90 -22.44
N ARG A 115 -10.15 -16.67 -22.83
CA ARG A 115 -9.77 -16.15 -24.14
C ARG A 115 -10.00 -14.65 -24.22
N THR A 116 -9.47 -13.92 -23.23
CA THR A 116 -9.60 -12.47 -23.17
C THR A 116 -11.07 -12.03 -23.26
N THR A 117 -11.96 -12.77 -22.60
CA THR A 117 -13.37 -12.46 -22.60
C THR A 117 -13.94 -12.41 -24.03
ZN ZN B . 5.83 3.33 -2.54
C1 998 C . 1.39 15.28 -6.04
C2 998 C . 1.72 15.52 -7.50
C3 998 C . 1.83 16.14 -5.02
C4 998 C . 0.62 14.14 -5.71
N5 998 C . 2.15 14.25 -8.12
C6 998 C . 2.82 16.60 -7.70
C7 998 C . 2.64 17.38 -5.30
C8 998 C . 1.50 15.86 -3.67
C9 998 C . 0.30 13.87 -4.37
C10 998 C . 2.24 14.08 -9.44
C11 998 C . 2.66 17.80 -6.77
C12 998 C . 0.74 14.73 -3.36
C13 998 C . 2.79 12.77 -9.98
O14 998 C . 1.88 14.97 -10.22
N15 998 C . 2.05 12.32 -11.19
C16 998 C . 4.28 12.92 -10.32
C17 998 C . 0.75 11.99 -11.32
C18 998 C . 3.05 12.27 -12.26
C19 998 C . 4.44 12.21 -11.65
C20 998 C . 0.26 11.49 -12.68
O21 998 C . -0.05 12.07 -10.39
N22 998 C . -0.80 10.48 -12.48
C23 998 C . -0.28 12.66 -13.54
C24 998 C . -0.60 9.21 -12.83
C25 998 C . 0.44 12.65 -14.89
C26 998 C . -0.02 14.00 -12.85
C27 998 C . -1.78 12.49 -13.79
C28 998 C . -1.69 8.19 -12.61
O29 998 C . 0.48 8.87 -13.35
N30 998 C . -1.48 7.04 -13.50
C31 998 C . -1.68 7.72 -11.16
CNM 998 C . -2.26 7.21 -14.72
H43 998 C . 0.82 15.79 -8.06
H35 998 C . 0.28 13.48 -6.50
H44 998 C . 2.43 13.49 -7.52
HS1 998 C . 3.78 16.12 -7.43
HS2 998 C . 2.85 16.92 -8.74
HW1 998 C . 3.68 17.14 -5.03
HW2 998 C . 2.32 18.20 -4.66
H36 998 C . 1.84 16.53 -2.89
H34 998 C . -0.29 13.00 -4.12
HV1 998 C . 1.67 18.23 -6.99
HV2 998 C . 3.44 18.54 -6.95
H33 998 C . 0.49 14.52 -2.33
HPA 998 C . 2.67 12.02 -9.18
HP1 998 C . 4.49 14.00 -10.46
HP2 998 C . 4.93 12.51 -9.54
HR1 998 C . 2.97 13.22 -12.82
HR2 998 C . 2.87 11.41 -12.92
HQ1 998 C . 4.68 11.14 -11.46
HQ2 998 C . 5.20 12.65 -12.29
HTA 998 C . 1.10 11.02 -13.21
H53 998 C . -1.68 10.76 -12.06
HT11 998 C . 0.38 11.66 -15.33
HT12 998 C . 1.50 12.89 -14.72
HT13 998 C . 0.00 13.39 -15.56
HT21 998 C . -0.35 14.80 -13.49
HT22 998 C . -0.60 14.03 -11.93
HT23 998 C . 1.04 14.09 -12.62
HT31 998 C . -2.07 13.01 -14.69
HT32 998 C . -2.32 12.94 -12.95
HT33 998 C . -2.02 11.44 -13.86
HAA 998 C . -2.66 8.63 -12.84
H67 998 C . -0.49 7.07 -13.79
HB1 998 C . -1.34 6.68 -11.11
HB2 998 C . -2.69 7.76 -10.77
HB3 998 C . -1.02 8.35 -10.57
HM1 998 C . -3.30 6.98 -14.52
HM2 998 C . -2.19 8.27 -15.03
HM3 998 C . -1.86 6.58 -15.51
#